data_4MUF
#
_entry.id   4MUF
#
_cell.length_a   48.730
_cell.length_b   71.060
_cell.length_c   81.690
_cell.angle_alpha   90.00
_cell.angle_beta   99.46
_cell.angle_gamma   90.00
#
_symmetry.space_group_name_H-M   'P 1 21 1'
#
loop_
_entity.id
_entity.type
_entity.pdbx_description
1 polymer 'Pantothenate synthetase'
2 non-polymer ETHANOL
3 non-polymer '(2-{[(4-tert-butylphenyl)sulfonyl]carbamoyl}-5-methoxy-1H-indol-1-yl)acetic acid'
4 water water
#
_entity_poly.entity_id   1
_entity_poly.type   'polypeptide(L)'
_entity_poly.pdbx_seq_one_letter_code
;MAIPAFHPGELNVYSAPGDVADVSRALRLTGRRVMLVPTMGALHEGHLALVRAAKRVPGSVVVVSIFVNPMQFGAGGDLD
AYPRTPDDDLAQLRAEGVEIAFTPTTAAMYPDGLRTTVQPGPLAAELEGGPRPTHFAGVLTVVLKLLQIVRPDRVFFGEK
DYQQLVLIRQLVADFNLDVAVVGVPTVREADGLAMSSRNRYLDPAQRAAAVALSAALTAAAHAATAGAQAALDAARAVLD
AAPGVAVDYLELRDIGLGPMPLNGSGRLLVAARLGTTRLLDNIAIEIGTFAGTDRPDGYR
;
_entity_poly.pdbx_strand_id   A,B
#
loop_
_chem_comp.id
_chem_comp.type
_chem_comp.name
_chem_comp.formula
2DJ non-polymer '(2-{[(4-tert-butylphenyl)sulfonyl]carbamoyl}-5-methoxy-1H-indol-1-yl)acetic acid' 'C22 H24 N2 O6 S'
EOH non-polymer ETHANOL 'C2 H6 O'
#
# COMPACT_ATOMS: atom_id res chain seq x y z
N PRO A 4 -2.86 -24.92 -8.71
CA PRO A 4 -2.59 -24.62 -10.14
C PRO A 4 -1.24 -25.22 -10.60
N ALA A 5 -1.22 -25.82 -11.80
CA ALA A 5 -0.06 -26.51 -12.36
C ALA A 5 1.18 -25.63 -12.53
N PHE A 6 2.35 -26.19 -12.21
CA PHE A 6 3.65 -25.56 -12.47
C PHE A 6 4.62 -26.55 -13.08
N HIS A 7 4.82 -26.43 -14.39
CA HIS A 7 5.81 -27.21 -15.10
C HIS A 7 7.20 -26.54 -15.01
N PRO A 8 8.13 -27.13 -14.23
CA PRO A 8 9.45 -26.54 -14.05
C PRO A 8 10.27 -26.68 -15.31
N GLY A 9 11.12 -25.68 -15.56
CA GLY A 9 11.94 -25.70 -16.74
C GLY A 9 11.20 -25.30 -17.99
N GLU A 10 9.93 -24.94 -17.84
CA GLU A 10 9.23 -24.26 -18.94
C GLU A 10 8.60 -22.91 -18.54
N LEU A 11 7.93 -22.28 -19.50
CA LEU A 11 7.28 -21.01 -19.24
C LEU A 11 5.81 -21.26 -18.86
N ASN A 12 5.44 -20.88 -17.65
CA ASN A 12 4.07 -21.00 -17.13
C ASN A 12 3.42 -19.62 -17.11
N VAL A 13 2.30 -19.52 -17.81
CA VAL A 13 1.61 -18.25 -18.02
C VAL A 13 0.32 -18.24 -17.20
N TYR A 14 0.26 -17.36 -16.18
CA TYR A 14 -0.90 -17.24 -15.29
C TYR A 14 -1.65 -15.96 -15.47
N SER A 15 -2.97 -16.06 -15.57
CA SER A 15 -3.80 -14.89 -15.72
C SER A 15 -4.39 -14.36 -14.44
N ALA A 16 -4.89 -15.25 -13.60
CA ALA A 16 -5.49 -14.86 -12.34
C ALA A 16 -4.42 -14.53 -11.28
N PRO A 17 -4.56 -13.36 -10.63
CA PRO A 17 -3.68 -13.05 -9.51
C PRO A 17 -3.55 -14.22 -8.52
N GLY A 18 -4.68 -14.76 -8.08
CA GLY A 18 -4.71 -15.98 -7.24
C GLY A 18 -3.80 -17.09 -7.72
N ASP A 19 -3.82 -17.35 -9.03
CA ASP A 19 -2.98 -18.40 -9.65
C ASP A 19 -1.50 -18.14 -9.45
N VAL A 20 -1.07 -16.92 -9.68
CA VAL A 20 0.34 -16.62 -9.51
C VAL A 20 0.72 -16.46 -8.03
N ALA A 21 -0.21 -16.06 -7.16
CA ALA A 21 0.08 -15.91 -5.73
C ALA A 21 0.29 -17.27 -5.02
N ASP A 22 -0.55 -18.25 -5.38
CA ASP A 22 -0.45 -19.62 -4.88
C ASP A 22 0.85 -20.32 -5.29
N VAL A 23 1.12 -20.32 -6.61
CA VAL A 23 2.34 -20.89 -7.14
C VAL A 23 3.57 -20.21 -6.52
N SER A 24 3.54 -18.88 -6.48
CA SER A 24 4.59 -18.09 -5.82
C SER A 24 4.91 -18.56 -4.44
N ARG A 25 3.88 -18.56 -3.60
CA ARG A 25 3.96 -18.99 -2.22
C ARG A 25 4.45 -20.41 -2.15
N ALA A 26 3.90 -21.29 -3.00
CA ALA A 26 4.25 -22.71 -3.00
C ALA A 26 5.72 -22.92 -3.26
N LEU A 27 6.22 -22.35 -4.36
CA LEU A 27 7.65 -22.36 -4.68
C LEU A 27 8.54 -21.81 -3.57
N ARG A 28 8.09 -20.75 -2.94
CA ARG A 28 8.83 -20.12 -1.85
C ARG A 28 9.06 -21.04 -0.65
N LEU A 29 8.01 -21.71 -0.20
CA LEU A 29 8.11 -22.58 0.98
C LEU A 29 9.03 -23.76 0.67
N THR A 30 9.06 -24.20 -0.58
CA THR A 30 9.99 -25.23 -0.98
C THR A 30 11.37 -24.65 -1.27
N GLY A 31 11.69 -23.50 -0.67
CA GLY A 31 13.07 -22.96 -0.74
C GLY A 31 13.52 -22.05 -1.88
N ARG A 32 12.87 -22.13 -3.04
CA ARG A 32 13.11 -21.22 -4.18
C ARG A 32 12.94 -19.74 -3.82
N ARG A 33 13.78 -18.89 -4.41
CA ARG A 33 13.66 -17.47 -4.17
C ARG A 33 13.02 -16.78 -5.37
N VAL A 34 11.97 -16.00 -5.10
CA VAL A 34 11.14 -15.46 -6.16
C VAL A 34 11.57 -14.07 -6.60
N MET A 35 11.88 -13.94 -7.88
CA MET A 35 12.32 -12.68 -8.48
C MET A 35 11.22 -12.08 -9.37
N LEU A 36 10.83 -10.83 -9.09
CA LEU A 36 9.89 -10.09 -9.96
C LEU A 36 10.55 -9.08 -10.93
N VAL A 37 10.18 -9.22 -12.20
CA VAL A 37 10.53 -8.29 -13.27
C VAL A 37 9.22 -7.64 -13.82
N PRO A 38 8.82 -6.49 -13.28
CA PRO A 38 7.55 -5.90 -13.72
C PRO A 38 7.69 -5.15 -15.02
N THR A 39 6.99 -5.61 -16.03
CA THR A 39 7.06 -4.97 -17.31
C THR A 39 5.69 -4.52 -17.77
N MET A 40 5.71 -3.56 -18.68
CA MET A 40 4.55 -3.20 -19.50
C MET A 40 4.71 -3.81 -20.89
N GLY A 41 5.36 -4.97 -20.96
CA GLY A 41 5.50 -5.68 -22.24
C GLY A 41 6.41 -4.95 -23.20
N ALA A 42 6.30 -5.35 -24.49
CA ALA A 42 7.13 -4.87 -25.58
C ALA A 42 8.56 -4.92 -25.11
N LEU A 43 9.03 -6.16 -24.90
CA LEU A 43 10.28 -6.40 -24.22
C LEU A 43 11.48 -6.11 -25.09
N HIS A 44 12.50 -5.52 -24.49
CA HIS A 44 13.70 -5.21 -25.22
C HIS A 44 14.94 -5.73 -24.48
N GLU A 45 16.10 -5.36 -24.97
CA GLU A 45 17.36 -5.83 -24.41
C GLU A 45 17.59 -5.39 -22.92
N GLY A 46 16.83 -4.40 -22.47
CA GLY A 46 16.91 -3.92 -21.08
C GLY A 46 16.11 -4.85 -20.18
N HIS A 47 14.95 -5.24 -20.69
CA HIS A 47 14.13 -6.24 -20.04
C HIS A 47 14.92 -7.56 -19.93
N LEU A 48 15.60 -7.94 -21.02
CA LEU A 48 16.44 -9.11 -20.96
C LEU A 48 17.54 -8.96 -19.89
N ALA A 49 18.05 -7.74 -19.68
CA ALA A 49 19.02 -7.50 -18.59
C ALA A 49 18.43 -7.72 -17.20
N LEU A 50 17.30 -7.05 -16.93
CA LEU A 50 16.51 -7.27 -15.71
C LEU A 50 16.35 -8.76 -15.39
N VAL A 51 15.86 -9.53 -16.37
CA VAL A 51 15.74 -11.00 -16.29
C VAL A 51 17.08 -11.67 -15.99
N ARG A 52 18.08 -11.41 -16.82
CA ARG A 52 19.42 -11.95 -16.62
C ARG A 52 20.01 -11.71 -15.22
N ALA A 53 19.77 -10.51 -14.66
CA ALA A 53 20.18 -10.22 -13.28
C ALA A 53 19.39 -11.09 -12.32
N ALA A 54 18.08 -11.17 -12.53
CA ALA A 54 17.19 -12.02 -11.74
C ALA A 54 17.63 -13.47 -11.77
N LYS A 55 17.92 -13.98 -12.97
CA LYS A 55 18.38 -15.35 -13.17
C LYS A 55 19.61 -15.71 -12.33
N ARG A 56 20.52 -14.75 -12.16
CA ARG A 56 21.79 -15.09 -11.55
C ARG A 56 21.75 -15.15 -10.03
N VAL A 57 20.60 -14.82 -9.45
CA VAL A 57 20.36 -15.02 -8.01
C VAL A 57 20.06 -16.51 -7.80
N PRO A 58 20.86 -17.17 -6.93
CA PRO A 58 20.88 -18.63 -6.85
C PRO A 58 19.56 -19.27 -6.38
N GLY A 59 19.16 -20.36 -7.06
CA GLY A 59 17.89 -21.05 -6.78
C GLY A 59 16.66 -20.18 -7.03
N SER A 60 16.83 -19.13 -7.82
CA SER A 60 15.78 -18.18 -8.11
C SER A 60 14.77 -18.81 -9.04
N VAL A 61 13.51 -18.41 -8.87
CA VAL A 61 12.54 -18.59 -9.93
C VAL A 61 12.13 -17.18 -10.34
N VAL A 62 12.03 -16.98 -11.65
CA VAL A 62 11.76 -15.68 -12.24
C VAL A 62 10.32 -15.51 -12.75
N VAL A 63 9.66 -14.47 -12.26
CA VAL A 63 8.30 -14.13 -12.68
C VAL A 63 8.38 -12.79 -13.39
N VAL A 64 8.03 -12.79 -14.67
CA VAL A 64 7.89 -11.53 -15.38
C VAL A 64 6.42 -11.20 -15.43
N SER A 65 6.06 -10.01 -14.97
CA SER A 65 4.68 -9.56 -15.10
C SER A 65 4.58 -8.75 -16.36
N ILE A 66 3.48 -8.87 -17.08
CA ILE A 66 3.26 -8.02 -18.27
C ILE A 66 1.91 -7.27 -18.15
N PHE A 67 1.93 -6.02 -17.74
CA PHE A 67 0.64 -5.40 -17.55
C PHE A 67 0.71 -3.97 -17.97
N VAL A 68 -0.26 -3.57 -18.79
CA VAL A 68 -0.33 -2.19 -19.29
C VAL A 68 -1.35 -1.47 -18.40
N ASN A 69 -0.85 -0.80 -17.37
CA ASN A 69 -1.71 -0.27 -16.32
C ASN A 69 -2.40 1.02 -16.73
N PRO A 70 -3.72 0.96 -17.03
CA PRO A 70 -4.37 2.19 -17.57
C PRO A 70 -4.58 3.35 -16.55
N MET A 71 -3.67 3.51 -15.59
CA MET A 71 -3.82 4.48 -14.48
C MET A 71 -2.75 5.64 -14.45
N GLN A 72 -1.86 5.66 -15.45
CA GLN A 72 -0.67 6.54 -15.43
C GLN A 72 -0.40 7.25 -16.76
N ALA A 81 -2.51 3.98 -27.69
CA ALA A 81 -1.26 4.51 -27.14
C ALA A 81 -0.09 3.52 -27.21
N TYR A 82 -0.10 2.52 -26.32
CA TYR A 82 1.06 1.64 -26.07
C TYR A 82 1.23 0.42 -27.03
N PRO A 83 2.49 0.04 -27.33
CA PRO A 83 2.76 -1.17 -28.16
C PRO A 83 2.48 -2.50 -27.44
N ARG A 84 1.65 -3.35 -28.04
CA ARG A 84 1.26 -4.60 -27.40
C ARG A 84 1.66 -5.84 -28.19
N THR A 85 2.76 -6.49 -27.78
CA THR A 85 3.36 -7.56 -28.57
C THR A 85 3.70 -8.85 -27.78
N PRO A 86 2.67 -9.59 -27.29
CA PRO A 86 2.88 -10.83 -26.49
C PRO A 86 3.65 -12.01 -27.13
N ASP A 87 3.51 -12.23 -28.43
CA ASP A 87 4.23 -13.33 -29.09
C ASP A 87 5.75 -13.13 -29.06
N ASP A 88 6.14 -11.87 -29.30
CA ASP A 88 7.53 -11.48 -29.28
C ASP A 88 7.98 -11.51 -27.81
N ASP A 89 7.10 -11.03 -26.94
CA ASP A 89 7.38 -10.97 -25.53
C ASP A 89 7.62 -12.36 -24.95
N LEU A 90 6.71 -13.30 -25.20
CA LEU A 90 6.78 -14.64 -24.60
C LEU A 90 7.86 -15.51 -25.23
N ALA A 91 8.13 -15.25 -26.51
CA ALA A 91 9.23 -15.92 -27.21
C ALA A 91 10.59 -15.70 -26.52
N GLN A 92 10.98 -14.43 -26.37
CA GLN A 92 12.20 -14.09 -25.61
C GLN A 92 12.22 -14.63 -24.17
N LEU A 93 11.05 -14.70 -23.51
CA LEU A 93 11.00 -15.18 -22.13
C LEU A 93 11.49 -16.65 -21.96
N ARG A 94 10.93 -17.59 -22.74
CA ARG A 94 11.39 -19.01 -22.64
C ARG A 94 12.82 -19.22 -23.13
N ALA A 95 13.23 -18.39 -24.10
CA ALA A 95 14.63 -18.31 -24.50
C ALA A 95 15.56 -18.01 -23.31
N GLU A 96 15.24 -17.00 -22.50
CA GLU A 96 16.04 -16.70 -21.30
C GLU A 96 15.75 -17.66 -20.16
N GLY A 97 14.84 -18.60 -20.40
CA GLY A 97 14.47 -19.61 -19.40
C GLY A 97 13.72 -19.06 -18.20
N VAL A 98 12.80 -18.12 -18.45
CA VAL A 98 11.87 -17.66 -17.44
C VAL A 98 10.76 -18.71 -17.23
N GLU A 99 10.40 -18.95 -15.96
CA GLU A 99 9.40 -19.95 -15.61
C GLU A 99 7.99 -19.43 -15.35
N ILE A 100 7.85 -18.16 -15.01
CA ILE A 100 6.52 -17.61 -14.80
C ILE A 100 6.29 -16.29 -15.54
N ALA A 101 5.25 -16.25 -16.34
CA ALA A 101 4.74 -14.99 -16.86
C ALA A 101 3.39 -14.75 -16.21
N PHE A 102 3.26 -13.58 -15.59
CA PHE A 102 1.99 -13.13 -15.02
C PHE A 102 1.40 -12.12 -15.99
N THR A 103 0.25 -12.44 -16.57
CA THR A 103 -0.40 -11.51 -17.52
C THR A 103 -1.87 -11.21 -17.10
N PRO A 104 -2.08 -10.40 -16.04
CA PRO A 104 -3.47 -10.16 -15.60
C PRO A 104 -4.30 -9.33 -16.60
N THR A 105 -5.61 -9.55 -16.58
CA THR A 105 -6.58 -8.67 -17.22
C THR A 105 -6.81 -7.42 -16.34
N THR A 106 -7.32 -6.36 -16.95
CA THR A 106 -7.72 -5.16 -16.22
C THR A 106 -8.85 -5.50 -15.24
N ALA A 107 -9.82 -6.29 -15.72
CA ALA A 107 -10.88 -6.80 -14.87
C ALA A 107 -10.31 -7.32 -13.58
N ALA A 108 -9.37 -8.29 -13.68
CA ALA A 108 -8.76 -8.93 -12.51
C ALA A 108 -7.96 -7.98 -11.62
N MET A 109 -7.34 -6.96 -12.19
CA MET A 109 -6.50 -6.07 -11.40
C MET A 109 -7.32 -4.99 -10.71
N TYR A 110 -8.38 -4.56 -11.40
CA TYR A 110 -9.25 -3.47 -10.97
C TYR A 110 -10.75 -3.86 -10.95
N PRO A 111 -11.11 -4.97 -10.25
CA PRO A 111 -12.53 -5.33 -10.28
C PRO A 111 -13.45 -4.20 -9.78
N ASP A 112 -13.04 -3.47 -8.75
CA ASP A 112 -13.88 -2.43 -8.19
C ASP A 112 -13.55 -1.01 -8.70
N GLY A 113 -12.66 -0.95 -9.69
CA GLY A 113 -12.23 0.27 -10.32
C GLY A 113 -11.12 0.90 -9.49
N LEU A 114 -10.86 2.17 -9.73
CA LEU A 114 -9.92 2.90 -8.89
C LEU A 114 -10.56 3.24 -7.56
N ARG A 115 -10.03 2.71 -6.47
CA ARG A 115 -10.63 3.00 -5.16
C ARG A 115 -9.55 3.35 -4.13
N THR A 116 -9.06 2.37 -3.37
CA THR A 116 -7.93 2.61 -2.48
C THR A 116 -6.71 2.78 -3.38
N THR A 117 -5.97 3.88 -3.21
CA THR A 117 -4.75 4.10 -4.00
C THR A 117 -3.53 4.50 -3.19
N VAL A 118 -2.40 4.64 -3.87
CA VAL A 118 -1.22 5.12 -3.17
C VAL A 118 -1.01 6.59 -3.45
N GLN A 119 -0.67 7.29 -2.40
CA GLN A 119 -0.37 8.67 -2.52
C GLN A 119 1.13 8.81 -2.29
N PRO A 120 1.87 9.14 -3.38
CA PRO A 120 3.31 9.29 -3.27
C PRO A 120 3.64 10.51 -2.45
N GLY A 121 4.85 10.59 -1.89
CA GLY A 121 5.33 11.83 -1.26
C GLY A 121 5.61 12.96 -2.26
N PRO A 122 6.18 14.08 -1.78
CA PRO A 122 6.33 15.27 -2.63
C PRO A 122 7.20 15.08 -3.87
N LEU A 123 8.14 14.16 -3.80
CA LEU A 123 8.94 13.86 -4.98
C LEU A 123 8.11 13.53 -6.24
N ALA A 124 6.87 13.05 -6.06
CA ALA A 124 6.05 12.69 -7.22
C ALA A 124 5.43 13.88 -7.95
N ALA A 125 5.52 15.09 -7.36
CA ALA A 125 4.99 16.31 -7.97
C ALA A 125 6.08 17.10 -8.68
N GLU A 126 7.29 16.55 -8.66
CA GLU A 126 8.46 17.21 -9.17
C GLU A 126 8.84 16.57 -10.49
N LEU A 127 9.72 17.21 -11.25
CA LEU A 127 10.27 16.58 -12.45
C LEU A 127 9.20 16.07 -13.40
N GLU A 128 9.05 14.75 -13.54
CA GLU A 128 8.05 14.15 -14.45
C GLU A 128 6.62 14.30 -13.91
N GLY A 129 6.52 14.61 -12.62
CA GLY A 129 5.23 14.67 -11.95
C GLY A 129 4.53 16.03 -12.05
N GLY A 130 5.30 17.07 -12.31
CA GLY A 130 4.77 18.42 -12.43
C GLY A 130 3.58 18.56 -13.39
N PRO A 131 3.80 18.21 -14.68
CA PRO A 131 2.72 18.20 -15.65
C PRO A 131 1.89 16.91 -15.65
N ARG A 132 2.30 15.93 -14.85
CA ARG A 132 1.58 14.65 -14.77
C ARG A 132 1.35 14.24 -13.32
N PRO A 133 0.51 15.01 -12.58
CA PRO A 133 0.54 14.96 -11.10
C PRO A 133 -0.15 13.74 -10.48
N THR A 134 -0.88 12.98 -11.28
CA THR A 134 -1.43 11.73 -10.80
C THR A 134 -0.66 10.51 -11.40
N HIS A 135 0.34 10.76 -12.25
CA HIS A 135 1.12 9.69 -12.87
C HIS A 135 1.75 8.68 -11.87
N PHE A 136 2.50 9.17 -10.89
CA PHE A 136 3.16 8.25 -9.95
C PHE A 136 2.25 7.48 -8.99
N ALA A 137 1.15 8.11 -8.57
CA ALA A 137 0.16 7.43 -7.75
C ALA A 137 -0.28 6.15 -8.48
N GLY A 138 -0.40 6.23 -9.81
CA GLY A 138 -0.80 5.09 -10.63
C GLY A 138 0.25 4.00 -10.63
N VAL A 139 1.50 4.43 -10.74
CA VAL A 139 2.69 3.57 -10.80
C VAL A 139 2.87 2.88 -9.47
N LEU A 140 2.83 3.66 -8.39
CA LEU A 140 2.99 3.07 -7.04
C LEU A 140 1.86 2.14 -6.67
N THR A 141 0.64 2.53 -7.01
CA THR A 141 -0.55 1.70 -6.79
C THR A 141 -0.35 0.32 -7.43
N VAL A 142 0.06 0.28 -8.71
CA VAL A 142 0.02 -1.01 -9.37
C VAL A 142 1.27 -1.80 -9.02
N VAL A 143 2.37 -1.10 -8.79
CA VAL A 143 3.58 -1.77 -8.29
C VAL A 143 3.25 -2.47 -6.98
N LEU A 144 2.50 -1.79 -6.11
CA LEU A 144 2.17 -2.34 -4.79
C LEU A 144 1.29 -3.55 -4.96
N LYS A 145 0.32 -3.43 -5.86
CA LYS A 145 -0.57 -4.53 -6.09
C LYS A 145 0.26 -5.71 -6.56
N LEU A 146 1.25 -5.42 -7.41
CA LEU A 146 2.09 -6.44 -7.99
C LEU A 146 3.06 -7.09 -7.00
N LEU A 147 3.55 -6.33 -6.04
CA LEU A 147 4.37 -6.90 -4.98
C LEU A 147 3.52 -7.75 -4.04
N GLN A 148 2.24 -7.39 -3.91
CA GLN A 148 1.35 -8.11 -2.97
C GLN A 148 0.84 -9.41 -3.59
N ILE A 149 0.43 -9.38 -4.85
CA ILE A 149 0.08 -10.59 -5.59
C ILE A 149 1.20 -11.65 -5.60
N VAL A 150 2.43 -11.25 -5.97
CA VAL A 150 3.54 -12.18 -6.27
C VAL A 150 4.49 -12.44 -5.07
N ARG A 151 4.52 -11.53 -4.09
CA ARG A 151 5.39 -11.62 -2.89
C ARG A 151 6.82 -12.07 -3.17
N PRO A 152 7.52 -11.39 -4.11
CA PRO A 152 8.90 -11.72 -4.42
C PRO A 152 9.85 -11.29 -3.32
N ASP A 153 11.04 -11.89 -3.37
CA ASP A 153 12.14 -11.56 -2.47
C ASP A 153 12.87 -10.33 -2.98
N ARG A 154 13.07 -10.27 -4.30
CA ARG A 154 13.64 -9.08 -4.93
C ARG A 154 12.81 -8.61 -6.15
N VAL A 155 12.87 -7.33 -6.45
CA VAL A 155 12.17 -6.82 -7.59
C VAL A 155 13.14 -5.96 -8.41
N PHE A 156 13.00 -6.00 -9.74
CA PHE A 156 14.01 -5.43 -10.64
C PHE A 156 13.54 -4.32 -11.59
N PHE A 157 14.22 -3.18 -11.49
CA PHE A 157 13.92 -2.06 -12.36
C PHE A 157 15.17 -1.61 -13.10
N GLY A 158 15.01 -1.12 -14.33
CA GLY A 158 16.11 -0.47 -15.03
C GLY A 158 16.31 0.88 -14.39
N GLU A 159 17.40 1.57 -14.70
CA GLU A 159 17.63 2.90 -14.10
C GLU A 159 17.16 4.09 -14.97
N LYS A 160 16.62 3.78 -16.16
CA LYS A 160 16.22 4.82 -17.12
C LYS A 160 15.30 5.77 -16.40
N ASP A 161 14.22 5.18 -15.86
CA ASP A 161 13.18 5.92 -15.18
C ASP A 161 13.57 6.04 -13.72
N TYR A 162 14.47 6.98 -13.47
CA TYR A 162 15.18 7.05 -12.21
C TYR A 162 14.30 7.53 -11.06
N GLN A 163 13.45 8.51 -11.32
CA GLN A 163 12.58 9.09 -10.32
C GLN A 163 11.60 8.02 -9.84
N GLN A 164 11.00 7.33 -10.78
CA GLN A 164 10.21 6.13 -10.56
C GLN A 164 10.89 5.12 -9.66
N LEU A 165 12.19 4.86 -9.89
CA LEU A 165 12.91 3.88 -9.06
C LEU A 165 12.97 4.42 -7.64
N VAL A 166 13.48 5.62 -7.44
CA VAL A 166 13.54 6.22 -6.11
C VAL A 166 12.18 6.16 -5.43
N LEU A 167 11.13 6.52 -6.17
CA LEU A 167 9.79 6.52 -5.57
C LEU A 167 9.37 5.16 -5.10
N ILE A 168 9.69 4.15 -5.91
CA ILE A 168 9.50 2.77 -5.49
C ILE A 168 10.34 2.45 -4.25
N ARG A 169 11.59 2.91 -4.17
CA ARG A 169 12.35 2.63 -2.96
C ARG A 169 11.63 3.20 -1.75
N GLN A 170 10.81 4.23 -2.00
CA GLN A 170 10.11 4.96 -0.95
C GLN A 170 8.89 4.17 -0.51
N LEU A 171 8.22 3.56 -1.48
CA LEU A 171 7.02 2.79 -1.29
C LEU A 171 7.39 1.66 -0.38
N VAL A 172 8.46 0.98 -0.79
CA VAL A 172 8.97 -0.12 -0.01
C VAL A 172 9.36 0.36 1.38
N ALA A 173 10.14 1.44 1.51
CA ALA A 173 10.53 1.87 2.90
C ALA A 173 9.32 2.22 3.76
N ASP A 174 8.48 3.13 3.25
CA ASP A 174 7.35 3.73 4.01
C ASP A 174 6.23 2.77 4.36
N PHE A 175 6.01 1.78 3.50
CA PHE A 175 5.02 0.73 3.76
C PHE A 175 5.65 -0.54 4.25
N ASN A 176 6.93 -0.51 4.58
CA ASN A 176 7.54 -1.65 5.29
C ASN A 176 7.43 -2.96 4.54
N LEU A 177 7.43 -2.91 3.22
CA LEU A 177 7.38 -4.11 2.40
C LEU A 177 8.70 -4.84 2.52
N ASP A 178 8.64 -6.14 2.79
CA ASP A 178 9.88 -6.92 2.97
C ASP A 178 10.25 -7.44 1.60
N VAL A 179 10.91 -6.58 0.83
CA VAL A 179 11.39 -6.94 -0.52
C VAL A 179 12.53 -6.01 -0.81
N ALA A 180 13.47 -6.50 -1.59
CA ALA A 180 14.65 -5.76 -1.96
C ALA A 180 14.46 -5.21 -3.35
N VAL A 181 14.74 -3.91 -3.48
CA VAL A 181 14.67 -3.26 -4.75
C VAL A 181 16.07 -3.21 -5.35
N VAL A 182 16.18 -3.83 -6.52
CA VAL A 182 17.42 -3.88 -7.26
C VAL A 182 17.27 -3.01 -8.51
N GLY A 183 18.03 -1.92 -8.55
CA GLY A 183 18.17 -1.10 -9.73
C GLY A 183 19.21 -1.66 -10.68
N VAL A 184 18.95 -1.55 -11.98
CA VAL A 184 19.83 -2.11 -13.00
C VAL A 184 20.25 -1.03 -14.00
N PRO A 185 21.58 -0.91 -14.23
CA PRO A 185 22.09 0.12 -15.13
C PRO A 185 21.43 0.10 -16.50
N THR A 186 21.06 1.27 -16.99
CA THR A 186 20.42 1.34 -18.28
C THR A 186 21.29 0.64 -19.33
N VAL A 187 20.62 -0.18 -20.14
CA VAL A 187 21.18 -0.84 -21.29
C VAL A 187 20.89 0.10 -22.45
N ARG A 188 21.92 0.41 -23.24
CA ARG A 188 21.82 1.46 -24.27
C ARG A 188 22.29 0.93 -25.62
N GLU A 189 21.71 1.48 -26.68
CA GLU A 189 22.12 1.21 -28.06
C GLU A 189 23.63 1.53 -28.26
N ALA A 190 24.20 1.04 -29.37
CA ALA A 190 25.66 1.16 -29.59
C ALA A 190 26.20 2.61 -29.42
N ASP A 191 25.37 3.59 -29.76
CA ASP A 191 25.78 4.97 -29.74
C ASP A 191 25.49 5.70 -28.43
N GLY A 192 25.07 5.00 -27.39
CA GLY A 192 24.70 5.63 -26.13
C GLY A 192 23.22 5.84 -25.87
N LEU A 193 22.36 5.73 -26.88
CA LEU A 193 20.93 5.99 -26.69
C LEU A 193 20.35 4.96 -25.77
N ALA A 194 19.70 5.46 -24.71
CA ALA A 194 18.99 4.66 -23.71
C ALA A 194 17.84 3.90 -24.33
N MET A 195 17.72 2.62 -24.00
CA MET A 195 16.61 1.75 -24.50
C MET A 195 15.24 2.23 -24.03
N SER A 196 14.29 2.19 -24.94
CA SER A 196 12.98 2.72 -24.65
C SER A 196 12.02 2.18 -25.68
N SER A 197 10.80 1.93 -25.21
CA SER A 197 9.73 1.52 -26.09
C SER A 197 9.41 2.69 -26.98
N ARG A 198 9.65 3.89 -26.47
CA ARG A 198 9.38 5.10 -27.23
C ARG A 198 10.32 5.34 -28.45
N ASN A 199 11.42 4.59 -28.51
CA ASN A 199 12.43 4.70 -29.57
C ASN A 199 11.90 4.35 -30.96
N ARG A 200 11.03 3.34 -31.06
CA ARG A 200 10.42 2.96 -32.35
C ARG A 200 9.79 4.17 -33.06
N TYR A 201 9.44 5.18 -32.24
CA TYR A 201 8.68 6.37 -32.66
C TYR A 201 9.54 7.50 -33.19
N LEU A 202 10.85 7.26 -33.34
CA LEU A 202 11.81 8.22 -33.92
C LEU A 202 12.16 7.82 -35.36
N ASP A 203 11.97 8.76 -36.28
CA ASP A 203 12.42 8.59 -37.67
C ASP A 203 13.94 8.77 -37.73
N PRO A 204 14.56 8.41 -38.88
CA PRO A 204 16.00 8.58 -39.11
C PRO A 204 16.61 9.88 -38.60
N ALA A 205 16.03 11.02 -38.96
CA ALA A 205 16.56 12.30 -38.48
C ALA A 205 16.55 12.31 -36.95
N GLN A 206 15.38 12.05 -36.38
CA GLN A 206 15.21 12.07 -34.93
C GLN A 206 16.03 10.99 -34.25
N ARG A 207 16.05 9.77 -34.77
CA ARG A 207 16.92 8.76 -34.16
C ARG A 207 18.37 9.31 -33.95
N ALA A 208 18.94 9.88 -35.02
CA ALA A 208 20.28 10.47 -35.03
C ALA A 208 20.46 11.57 -33.99
N ALA A 209 19.61 12.59 -34.03
CA ALA A 209 19.62 13.66 -33.02
C ALA A 209 19.55 13.14 -31.57
N ALA A 210 18.87 12.00 -31.38
CA ALA A 210 18.53 11.47 -30.06
C ALA A 210 19.78 11.07 -29.27
N VAL A 211 20.86 10.84 -29.99
CA VAL A 211 22.08 10.46 -29.35
C VAL A 211 22.60 11.58 -28.42
N ALA A 212 22.00 12.77 -28.52
CA ALA A 212 22.53 13.93 -27.81
C ALA A 212 22.25 13.92 -26.31
N LEU A 213 21.24 13.15 -25.92
CA LEU A 213 20.86 13.05 -24.54
C LEU A 213 21.97 12.33 -23.75
N SER A 214 22.31 11.13 -24.20
CA SER A 214 23.33 10.36 -23.54
C SER A 214 24.67 11.02 -23.78
N ALA A 215 24.84 11.61 -24.96
CA ALA A 215 26.08 12.36 -25.24
C ALA A 215 26.30 13.45 -24.18
N ALA A 216 25.26 14.25 -23.95
CA ALA A 216 25.28 15.40 -23.03
C ALA A 216 25.56 15.01 -21.59
N LEU A 217 24.98 13.91 -21.14
CA LEU A 217 25.13 13.49 -19.79
C LEU A 217 26.57 13.01 -19.50
N THR A 218 27.11 12.21 -20.44
CA THR A 218 28.45 11.64 -20.32
C THR A 218 29.49 12.75 -20.45
N ALA A 219 29.12 13.84 -21.11
CA ALA A 219 30.00 14.99 -21.20
C ALA A 219 30.10 15.67 -19.82
N ALA A 220 28.95 15.81 -19.18
CA ALA A 220 28.82 16.37 -17.83
C ALA A 220 29.45 15.43 -16.80
N ALA A 221 29.30 14.14 -16.94
CA ALA A 221 29.97 13.23 -16.00
C ALA A 221 31.45 13.61 -15.91
N HIS A 222 32.05 13.84 -17.08
CA HIS A 222 33.48 14.14 -17.25
C HIS A 222 33.95 15.60 -17.00
N ALA A 223 33.09 16.55 -17.31
CA ALA A 223 33.34 17.94 -17.02
C ALA A 223 33.18 18.23 -15.52
N ALA A 224 32.48 17.35 -14.81
CA ALA A 224 32.18 17.52 -13.41
C ALA A 224 33.40 17.81 -12.53
N THR A 225 34.57 17.27 -12.91
CA THR A 225 35.80 17.60 -12.18
C THR A 225 35.89 19.14 -12.02
N ALA A 226 35.37 19.88 -13.00
CA ALA A 226 35.47 21.33 -12.89
C ALA A 226 34.35 21.95 -12.05
N GLY A 227 33.50 21.10 -11.46
CA GLY A 227 32.32 21.59 -10.73
C GLY A 227 30.96 21.25 -11.36
N ALA A 228 29.91 21.61 -10.65
CA ALA A 228 28.54 21.37 -11.07
C ALA A 228 28.12 22.26 -12.25
N GLN A 229 28.47 23.53 -12.15
CA GLN A 229 28.13 24.53 -13.15
C GLN A 229 28.74 24.18 -14.51
N ALA A 230 29.96 23.65 -14.49
CA ALA A 230 30.62 23.20 -15.69
C ALA A 230 29.95 21.93 -16.22
N ALA A 231 29.57 21.01 -15.35
CA ALA A 231 28.92 19.78 -15.86
C ALA A 231 27.60 20.15 -16.57
N LEU A 232 26.83 21.03 -15.93
CA LEU A 232 25.57 21.51 -16.45
C LEU A 232 25.69 22.30 -17.74
N ASP A 233 26.66 23.21 -17.77
CA ASP A 233 26.94 24.00 -18.98
C ASP A 233 27.38 23.13 -20.15
N ALA A 234 28.23 22.16 -19.89
CA ALA A 234 28.65 21.17 -20.86
C ALA A 234 27.46 20.46 -21.48
N ALA A 235 26.63 19.87 -20.60
CA ALA A 235 25.48 19.09 -20.99
C ALA A 235 24.49 19.96 -21.74
N ARG A 236 24.30 21.20 -21.32
CA ARG A 236 23.38 22.07 -22.07
C ARG A 236 23.96 22.45 -23.44
N ALA A 237 25.27 22.38 -23.59
CA ALA A 237 25.83 22.91 -24.82
C ALA A 237 25.56 21.88 -25.92
N VAL A 238 25.84 20.63 -25.59
CA VAL A 238 25.52 19.47 -26.42
C VAL A 238 24.03 19.40 -26.81
N LEU A 239 23.15 19.63 -25.85
CA LEU A 239 21.72 19.67 -26.12
C LEU A 239 21.37 20.82 -27.08
N ASP A 240 21.98 21.98 -26.91
CA ASP A 240 21.74 23.10 -27.83
C ASP A 240 22.32 22.93 -29.23
N ALA A 241 23.38 22.16 -29.34
CA ALA A 241 24.01 21.95 -30.64
C ALA A 241 23.28 20.88 -31.41
N ALA A 242 22.21 20.35 -30.82
CA ALA A 242 21.43 19.24 -31.39
C ALA A 242 20.21 19.74 -32.13
N PRO A 243 19.99 19.19 -33.34
CA PRO A 243 18.90 19.64 -34.22
C PRO A 243 17.54 19.08 -33.82
N GLY A 244 16.60 19.97 -33.55
CA GLY A 244 15.21 19.58 -33.23
C GLY A 244 15.09 18.79 -31.95
N VAL A 245 15.86 19.20 -30.96
CA VAL A 245 15.83 18.62 -29.63
C VAL A 245 15.38 19.73 -28.68
N ALA A 246 14.17 19.61 -28.15
CA ALA A 246 13.65 20.60 -27.23
C ALA A 246 13.69 20.08 -25.82
N VAL A 247 14.44 20.77 -24.97
CA VAL A 247 14.74 20.31 -23.63
C VAL A 247 13.64 20.71 -22.65
N ASP A 248 12.88 19.71 -22.20
N ASP A 248 12.87 19.72 -22.21
CA ASP A 248 11.84 19.89 -21.18
CA ASP A 248 11.87 19.91 -21.17
C ASP A 248 12.43 20.13 -19.76
C ASP A 248 12.54 20.25 -19.82
N TYR A 249 13.53 19.46 -19.42
CA TYR A 249 14.29 19.75 -18.17
C TYR A 249 15.64 19.06 -18.16
N LEU A 250 16.57 19.72 -17.49
CA LEU A 250 17.89 19.18 -17.27
C LEU A 250 18.29 19.57 -15.86
N GLU A 251 18.33 18.58 -14.98
CA GLU A 251 18.55 18.88 -13.57
C GLU A 251 19.50 17.95 -12.86
N LEU A 252 20.26 18.58 -11.98
CA LEU A 252 21.27 17.94 -11.18
C LEU A 252 20.76 17.80 -9.76
N ARG A 253 20.72 16.57 -9.25
CA ARG A 253 20.17 16.28 -7.93
C ARG A 253 20.96 15.27 -7.11
N ASP A 254 20.68 15.30 -5.80
CA ASP A 254 21.00 14.26 -4.83
C ASP A 254 20.65 12.88 -5.42
N ILE A 255 21.33 11.81 -4.99
CA ILE A 255 21.05 10.52 -5.61
C ILE A 255 19.66 10.03 -5.24
N GLY A 256 19.20 10.50 -4.08
CA GLY A 256 17.88 10.11 -3.60
C GLY A 256 16.89 11.17 -4.04
N LEU A 257 17.40 12.12 -4.83
CA LEU A 257 16.61 13.17 -5.51
C LEU A 257 15.94 14.19 -4.58
N GLY A 258 16.11 14.01 -3.27
CA GLY A 258 15.23 14.60 -2.25
C GLY A 258 15.61 16.00 -1.74
N PRO A 259 14.83 16.53 -0.74
CA PRO A 259 14.99 17.85 -0.09
C PRO A 259 16.33 17.94 0.65
N MET A 260 17.38 17.47 -0.01
CA MET A 260 18.71 17.38 0.55
C MET A 260 19.61 18.01 -0.51
N PRO A 261 20.58 18.83 -0.06
CA PRO A 261 21.48 19.45 -1.04
C PRO A 261 22.37 18.45 -1.80
N LEU A 262 22.96 18.94 -2.88
CA LEU A 262 24.08 18.26 -3.52
C LEU A 262 25.38 18.47 -2.77
N ASN A 263 26.13 17.38 -2.67
CA ASN A 263 27.51 17.45 -2.22
C ASN A 263 28.47 16.94 -3.33
N GLY A 264 29.26 15.90 -3.02
CA GLY A 264 30.16 15.29 -3.99
C GLY A 264 29.51 14.39 -5.03
N SER A 265 28.51 13.61 -4.65
CA SER A 265 27.85 12.76 -5.64
C SER A 265 26.38 13.09 -5.85
N GLY A 266 25.88 12.69 -7.01
CA GLY A 266 24.57 13.10 -7.46
C GLY A 266 24.05 12.32 -8.64
N ARG A 267 23.06 12.93 -9.31
CA ARG A 267 22.40 12.32 -10.43
C ARG A 267 22.00 13.43 -11.34
N LEU A 268 22.26 13.22 -12.63
CA LEU A 268 21.89 14.17 -13.65
C LEU A 268 20.76 13.57 -14.44
N LEU A 269 19.73 14.37 -14.69
CA LEU A 269 18.54 13.89 -15.33
C LEU A 269 18.11 14.80 -16.44
N VAL A 270 17.67 14.23 -17.56
CA VAL A 270 17.18 15.02 -18.65
C VAL A 270 15.90 14.42 -19.26
N ALA A 271 15.03 15.32 -19.70
CA ALA A 271 13.80 15.03 -20.39
C ALA A 271 13.74 15.98 -21.58
N ALA A 272 13.65 15.42 -22.78
CA ALA A 272 13.59 16.22 -24.01
C ALA A 272 12.58 15.67 -25.00
N ARG A 273 12.19 16.48 -25.98
CA ARG A 273 11.22 16.05 -26.98
C ARG A 273 11.83 16.02 -28.37
N LEU A 274 11.57 14.94 -29.10
CA LEU A 274 11.95 14.89 -30.50
C LEU A 274 10.73 14.89 -31.42
N GLY A 275 10.18 16.08 -31.62
CA GLY A 275 8.87 16.22 -32.23
C GLY A 275 7.87 15.78 -31.17
N THR A 276 7.08 14.75 -31.51
CA THR A 276 6.05 14.21 -30.62
C THR A 276 6.66 13.51 -29.42
N THR A 277 7.75 12.80 -29.67
CA THR A 277 8.35 11.82 -28.78
C THR A 277 9.23 12.41 -27.68
N ARG A 278 8.85 12.12 -26.45
CA ARG A 278 9.55 12.60 -25.30
C ARG A 278 10.52 11.54 -24.76
N LEU A 279 11.78 11.93 -24.57
CA LEU A 279 12.82 11.01 -24.06
C LEU A 279 13.38 11.39 -22.69
N LEU A 280 13.75 10.37 -21.93
CA LEU A 280 14.38 10.55 -20.65
C LEU A 280 15.72 9.84 -20.61
N ASP A 281 16.66 10.46 -19.91
CA ASP A 281 17.87 9.78 -19.56
C ASP A 281 18.42 10.36 -18.28
N ASN A 282 19.35 9.64 -17.67
CA ASN A 282 19.96 10.14 -16.45
C ASN A 282 21.29 9.47 -16.20
N ILE A 283 22.10 10.10 -15.37
CA ILE A 283 23.41 9.53 -15.18
C ILE A 283 23.81 9.82 -13.75
N ALA A 284 24.62 8.91 -13.20
CA ALA A 284 25.41 9.17 -12.00
C ALA A 284 26.44 10.28 -12.26
N ILE A 285 26.67 11.16 -11.29
CA ILE A 285 27.62 12.25 -11.46
C ILE A 285 28.41 12.46 -10.17
N GLU A 286 29.72 12.69 -10.29
CA GLU A 286 30.56 12.97 -9.12
C GLU A 286 31.20 14.34 -9.26
N ILE A 287 31.06 15.18 -8.25
CA ILE A 287 31.51 16.57 -8.39
C ILE A 287 32.78 16.77 -7.60
N GLY A 288 33.88 17.05 -8.29
CA GLY A 288 35.16 17.21 -7.61
C GLY A 288 36.38 16.49 -8.13
N THR A 289 36.43 15.13 -8.16
CA THR A 289 35.35 14.19 -7.77
C THR A 289 35.68 13.48 -6.45
N ALA B 2 20.12 -13.71 12.45
CA ALA B 2 20.05 -13.91 13.94
C ALA B 2 18.73 -13.40 14.53
N ILE B 3 17.74 -14.32 14.54
CA ILE B 3 16.35 -14.13 14.97
C ILE B 3 16.20 -13.75 16.45
N PRO B 4 15.44 -12.67 16.75
CA PRO B 4 15.33 -12.14 18.12
C PRO B 4 14.81 -13.18 19.11
N ALA B 5 15.05 -12.94 20.39
CA ALA B 5 14.68 -13.88 21.45
C ALA B 5 13.16 -13.99 21.67
N PHE B 6 12.63 -15.21 21.50
CA PHE B 6 11.20 -15.47 21.71
C PHE B 6 10.90 -16.65 22.63
N HIS B 7 10.30 -16.36 23.79
CA HIS B 7 10.00 -17.37 24.82
C HIS B 7 8.53 -17.84 24.76
N PRO B 8 8.26 -19.02 24.15
CA PRO B 8 6.88 -19.49 23.93
C PRO B 8 6.09 -19.57 25.24
N GLY B 9 4.83 -19.12 25.23
CA GLY B 9 3.99 -19.15 26.44
C GLY B 9 4.13 -17.98 27.41
N GLU B 10 5.18 -17.17 27.24
CA GLU B 10 5.28 -15.94 28.02
C GLU B 10 4.92 -14.74 27.13
N LEU B 11 4.93 -13.55 27.72
CA LEU B 11 4.66 -12.35 26.97
C LEU B 11 5.96 -11.73 26.48
N ASN B 12 6.22 -11.84 25.18
CA ASN B 12 7.37 -11.19 24.55
C ASN B 12 7.05 -9.81 23.97
N VAL B 13 7.76 -8.82 24.47
CA VAL B 13 7.60 -7.44 24.05
C VAL B 13 8.75 -7.07 23.09
N TYR B 14 8.39 -6.39 21.98
CA TYR B 14 9.33 -5.90 20.98
C TYR B 14 8.87 -4.53 20.57
N SER B 15 9.84 -3.63 20.46
CA SER B 15 9.62 -2.26 20.03
C SER B 15 10.20 -2.02 18.65
N ALA B 16 11.18 -2.84 18.26
CA ALA B 16 11.74 -2.74 16.91
C ALA B 16 10.82 -3.42 15.91
N PRO B 17 10.34 -2.68 14.91
CA PRO B 17 9.59 -3.39 13.86
C PRO B 17 10.34 -4.63 13.36
N GLY B 18 11.62 -4.47 12.97
CA GLY B 18 12.44 -5.57 12.45
C GLY B 18 12.35 -6.81 13.31
N ASP B 19 12.30 -6.63 14.62
CA ASP B 19 12.30 -7.77 15.52
C ASP B 19 11.01 -8.54 15.43
N VAL B 20 9.91 -7.82 15.46
CA VAL B 20 8.60 -8.44 15.45
C VAL B 20 8.38 -9.09 14.09
N ALA B 21 9.01 -8.54 13.06
CA ALA B 21 8.82 -9.02 11.69
C ALA B 21 9.53 -10.36 11.54
N ASP B 22 10.74 -10.45 12.14
CA ASP B 22 11.55 -11.68 12.19
C ASP B 22 10.89 -12.75 13.03
N VAL B 23 10.48 -12.39 14.25
CA VAL B 23 9.81 -13.36 15.12
C VAL B 23 8.57 -13.87 14.39
N SER B 24 7.73 -12.95 13.93
CA SER B 24 6.53 -13.33 13.21
C SER B 24 6.83 -14.25 12.01
N ARG B 25 7.75 -13.86 11.13
CA ARG B 25 8.09 -14.72 9.99
C ARG B 25 8.60 -16.08 10.48
N ALA B 26 9.43 -16.08 11.51
CA ALA B 26 9.90 -17.34 12.06
C ALA B 26 8.75 -18.23 12.57
N LEU B 27 7.70 -17.62 13.13
CA LEU B 27 6.58 -18.44 13.65
C LEU B 27 5.70 -19.03 12.58
N ARG B 28 5.46 -18.30 11.50
CA ARG B 28 4.65 -18.85 10.41
C ARG B 28 5.33 -20.13 9.90
N LEU B 29 6.62 -20.03 9.60
CA LEU B 29 7.39 -21.12 9.02
C LEU B 29 7.29 -22.44 9.80
N THR B 30 6.97 -22.33 11.07
CA THR B 30 6.95 -23.50 11.95
C THR B 30 5.55 -23.83 12.44
N GLY B 31 4.54 -23.56 11.61
CA GLY B 31 3.17 -23.98 11.91
C GLY B 31 2.21 -22.92 12.45
N ARG B 32 2.65 -22.17 13.47
CA ARG B 32 1.80 -21.18 14.16
C ARG B 32 1.04 -20.29 13.18
N ARG B 33 -0.20 -19.95 13.50
CA ARG B 33 -0.95 -18.98 12.71
C ARG B 33 -0.90 -17.67 13.47
N VAL B 34 -0.46 -16.61 12.81
CA VAL B 34 -0.22 -15.32 13.46
C VAL B 34 -1.47 -14.48 13.40
N MET B 35 -1.98 -14.10 14.57
CA MET B 35 -3.18 -13.31 14.69
C MET B 35 -2.76 -11.95 15.15
N LEU B 36 -3.28 -10.92 14.50
CA LEU B 36 -2.97 -9.56 14.92
C LEU B 36 -4.20 -8.84 15.45
N VAL B 37 -4.01 -8.23 16.60
CA VAL B 37 -4.99 -7.39 17.24
C VAL B 37 -4.31 -6.05 17.44
N PRO B 38 -4.64 -5.08 16.58
CA PRO B 38 -4.02 -3.75 16.65
C PRO B 38 -4.77 -2.83 17.57
N THR B 39 -4.10 -2.31 18.59
CA THR B 39 -4.78 -1.42 19.54
C THR B 39 -4.03 -0.14 19.72
N MET B 40 -4.65 0.81 20.43
CA MET B 40 -3.92 2.02 20.80
C MET B 40 -3.68 2.12 22.30
N GLY B 41 -3.49 0.99 22.96
CA GLY B 41 -3.39 0.95 24.44
C GLY B 41 -4.72 1.23 25.14
N ALA B 42 -4.65 1.55 26.44
CA ALA B 42 -5.81 1.81 27.29
C ALA B 42 -6.82 0.69 27.15
N LEU B 43 -6.36 -0.54 27.35
CA LEU B 43 -7.15 -1.71 26.93
C LEU B 43 -8.36 -2.01 27.82
N HIS B 44 -9.51 -2.25 27.18
CA HIS B 44 -10.77 -2.53 27.83
C HIS B 44 -11.30 -3.88 27.37
N GLU B 45 -12.46 -4.31 27.88
CA GLU B 45 -13.02 -5.64 27.56
C GLU B 45 -13.21 -5.92 26.06
N GLY B 46 -13.37 -4.85 25.28
CA GLY B 46 -13.57 -4.95 23.83
C GLY B 46 -12.36 -5.58 23.16
N HIS B 47 -11.23 -4.93 23.35
CA HIS B 47 -9.91 -5.46 23.10
C HIS B 47 -9.78 -6.91 23.55
N LEU B 48 -10.18 -7.18 24.78
CA LEU B 48 -9.98 -8.51 25.34
C LEU B 48 -10.74 -9.53 24.52
N ALA B 49 -11.87 -9.09 23.95
CA ALA B 49 -12.72 -9.98 23.18
C ALA B 49 -12.19 -10.15 21.76
N LEU B 50 -11.39 -9.19 21.30
CA LEU B 50 -10.59 -9.33 20.08
C LEU B 50 -9.50 -10.41 20.32
N VAL B 51 -8.84 -10.33 21.46
CA VAL B 51 -7.81 -11.29 21.82
C VAL B 51 -8.36 -12.71 21.94
N ARG B 52 -9.51 -12.83 22.63
CA ARG B 52 -10.10 -14.13 22.86
C ARG B 52 -10.44 -14.80 21.54
N ALA B 53 -11.12 -14.09 20.65
CA ALA B 53 -11.42 -14.64 19.31
C ALA B 53 -10.16 -15.15 18.62
N ALA B 54 -9.10 -14.36 18.65
CA ALA B 54 -7.84 -14.72 17.99
C ALA B 54 -7.22 -16.01 18.52
N LYS B 55 -7.34 -16.22 19.84
CA LYS B 55 -6.86 -17.44 20.46
C LYS B 55 -7.72 -18.67 20.16
N ARG B 56 -8.99 -18.45 19.82
CA ARG B 56 -9.86 -19.59 19.48
C ARG B 56 -9.29 -20.31 18.27
N VAL B 57 -8.55 -19.60 17.43
CA VAL B 57 -7.98 -20.20 16.22
C VAL B 57 -6.83 -21.18 16.57
N PRO B 58 -7.03 -22.48 16.30
CA PRO B 58 -6.06 -23.49 16.76
C PRO B 58 -4.64 -23.25 16.25
N GLY B 59 -3.68 -23.24 17.16
CA GLY B 59 -2.28 -23.10 16.78
C GLY B 59 -1.84 -21.67 16.59
N SER B 60 -2.68 -20.74 17.02
CA SER B 60 -2.43 -19.34 16.80
C SER B 60 -1.43 -18.79 17.81
N VAL B 61 -0.71 -17.74 17.42
CA VAL B 61 -0.05 -16.86 18.35
C VAL B 61 -0.56 -15.43 18.13
N VAL B 62 -0.73 -14.71 19.24
CA VAL B 62 -1.47 -13.47 19.21
C VAL B 62 -0.53 -12.30 19.35
N VAL B 63 -0.59 -11.44 18.36
CA VAL B 63 0.15 -10.19 18.38
C VAL B 63 -0.83 -9.06 18.68
N VAL B 64 -0.54 -8.31 19.74
CA VAL B 64 -1.29 -7.12 20.08
C VAL B 64 -0.36 -5.94 19.99
N SER B 65 -0.53 -5.12 18.97
CA SER B 65 0.27 -3.92 18.87
C SER B 65 -0.36 -2.88 19.78
N ILE B 66 0.47 -2.01 20.34
CA ILE B 66 0.02 -0.88 21.10
C ILE B 66 0.79 0.27 20.56
N PHE B 67 0.13 1.06 19.74
CA PHE B 67 0.75 2.19 19.13
C PHE B 67 -0.20 3.37 19.10
N VAL B 68 0.22 4.51 19.67
CA VAL B 68 -0.59 5.76 19.67
C VAL B 68 -0.45 6.44 18.33
N ASN B 69 -1.51 6.39 17.51
CA ASN B 69 -1.44 6.87 16.12
C ASN B 69 -1.83 8.37 16.02
N PRO B 70 -0.82 9.28 16.04
CA PRO B 70 -1.09 10.72 16.01
C PRO B 70 -1.32 11.21 14.57
N PRO B 86 -0.84 0.85 30.91
CA PRO B 86 0.46 1.15 30.33
C PRO B 86 1.49 0.04 30.61
N ASP B 87 1.52 -0.46 31.84
CA ASP B 87 2.10 -1.77 32.18
C ASP B 87 0.94 -2.56 32.74
N ASP B 88 -0.13 -1.81 32.98
CA ASP B 88 -1.47 -2.33 33.26
C ASP B 88 -2.00 -3.09 32.03
N ASP B 89 -1.78 -2.51 30.84
CA ASP B 89 -2.13 -3.16 29.57
C ASP B 89 -1.30 -4.41 29.36
N LEU B 90 -0.02 -4.34 29.69
CA LEU B 90 0.85 -5.52 29.56
C LEU B 90 0.41 -6.59 30.55
N ALA B 91 -0.02 -6.13 31.71
CA ALA B 91 -0.64 -6.99 32.73
C ALA B 91 -1.90 -7.74 32.24
N GLN B 92 -2.81 -7.05 31.56
CA GLN B 92 -3.98 -7.71 30.98
C GLN B 92 -3.60 -8.78 29.95
N LEU B 93 -2.66 -8.46 29.06
CA LEU B 93 -2.25 -9.36 27.99
C LEU B 93 -1.52 -10.57 28.54
N ARG B 94 -0.62 -10.33 29.49
CA ARG B 94 0.08 -11.41 30.17
C ARG B 94 -1.00 -12.30 30.80
N ALA B 95 -1.91 -11.69 31.56
CA ALA B 95 -3.06 -12.39 32.12
C ALA B 95 -4.08 -12.93 31.08
N GLU B 96 -3.81 -12.70 29.79
CA GLU B 96 -4.68 -13.25 28.73
C GLU B 96 -4.01 -14.33 27.90
N GLY B 97 -2.75 -14.60 28.20
CA GLY B 97 -1.95 -15.56 27.42
C GLY B 97 -1.49 -15.04 26.05
N VAL B 98 -1.25 -13.73 25.96
CA VAL B 98 -0.78 -13.11 24.74
C VAL B 98 0.72 -13.27 24.68
N GLU B 99 1.23 -13.81 23.57
CA GLU B 99 2.66 -14.12 23.48
C GLU B 99 3.51 -12.98 22.90
N ILE B 100 2.86 -12.06 22.19
CA ILE B 100 3.56 -10.91 21.60
C ILE B 100 2.76 -9.61 21.74
N ALA B 101 3.45 -8.62 22.31
CA ALA B 101 3.06 -7.22 22.31
C ALA B 101 4.11 -6.46 21.49
N PHE B 102 3.64 -5.77 20.45
CA PHE B 102 4.48 -4.97 19.60
C PHE B 102 4.26 -3.49 19.95
N THR B 103 5.29 -2.87 20.56
CA THR B 103 5.14 -1.53 21.14
C THR B 103 6.12 -0.49 20.57
N PRO B 104 5.96 -0.11 19.28
CA PRO B 104 6.98 0.75 18.66
C PRO B 104 6.82 2.23 19.02
N THR B 105 7.88 3.02 18.80
CA THR B 105 7.81 4.46 18.99
C THR B 105 7.36 5.12 17.69
N THR B 106 7.00 6.39 17.78
CA THR B 106 6.56 7.07 16.58
C THR B 106 7.70 7.22 15.56
N ALA B 107 8.91 7.50 16.04
CA ALA B 107 10.06 7.61 15.12
C ALA B 107 10.34 6.26 14.40
N ALA B 108 10.00 5.16 15.05
CA ALA B 108 10.22 3.81 14.48
C ALA B 108 9.14 3.43 13.43
N MET B 109 7.89 3.78 13.69
CA MET B 109 6.89 3.62 12.66
C MET B 109 7.12 4.61 11.53
N TYR B 110 7.60 5.81 11.86
CA TYR B 110 7.78 6.82 10.84
C TYR B 110 9.23 7.40 10.71
N PRO B 111 10.23 6.56 10.34
CA PRO B 111 11.60 7.08 10.38
C PRO B 111 11.88 8.18 9.37
N ASP B 112 11.02 8.35 8.38
CA ASP B 112 11.22 9.43 7.41
C ASP B 112 10.03 10.39 7.38
N GLY B 113 9.26 10.42 8.47
CA GLY B 113 7.99 11.16 8.50
C GLY B 113 6.93 10.65 7.54
N LEU B 114 5.87 11.43 7.39
CA LEU B 114 4.84 11.14 6.42
C LEU B 114 5.41 11.26 5.01
N ARG B 115 5.56 10.15 4.32
CA ARG B 115 6.04 10.31 2.95
C ARG B 115 5.03 9.70 2.02
N THR B 116 5.21 8.42 1.64
CA THR B 116 4.16 7.65 0.98
C THR B 116 3.01 7.37 1.94
N THR B 117 1.78 7.72 1.56
CA THR B 117 0.62 7.30 2.35
C THR B 117 -0.42 6.57 1.47
N VAL B 118 -1.48 6.03 2.12
CA VAL B 118 -2.64 5.45 1.43
C VAL B 118 -3.74 6.49 1.25
N GLN B 119 -4.25 6.62 0.04
CA GLN B 119 -5.40 7.46 -0.24
C GLN B 119 -6.66 6.55 -0.28
N PRO B 120 -7.53 6.63 0.75
CA PRO B 120 -8.72 5.79 0.73
C PRO B 120 -9.58 6.22 -0.40
N GLY B 121 -10.48 5.34 -0.83
CA GLY B 121 -11.47 5.69 -1.83
C GLY B 121 -12.53 6.63 -1.26
N PRO B 122 -13.48 7.06 -2.11
CA PRO B 122 -14.52 8.10 -1.87
C PRO B 122 -15.40 7.93 -0.61
N LEU B 123 -15.55 6.71 -0.12
CA LEU B 123 -16.30 6.48 1.10
C LEU B 123 -15.63 7.17 2.32
N ALA B 124 -14.33 7.47 2.23
CA ALA B 124 -13.63 8.16 3.30
C ALA B 124 -14.13 9.59 3.38
N ALA B 125 -14.82 10.04 2.32
CA ALA B 125 -15.31 11.42 2.29
C ALA B 125 -16.60 11.57 3.07
N GLU B 126 -17.28 10.46 3.32
CA GLU B 126 -18.59 10.58 3.94
C GLU B 126 -18.59 10.28 5.41
N LEU B 127 -19.77 10.45 6.01
CA LEU B 127 -20.05 10.03 7.38
C LEU B 127 -19.03 10.61 8.35
N GLU B 128 -18.08 9.80 8.81
CA GLU B 128 -17.09 10.33 9.75
C GLU B 128 -16.12 11.27 9.05
N GLY B 129 -15.92 11.06 7.74
CA GLY B 129 -14.97 11.86 6.97
C GLY B 129 -15.51 13.23 6.60
N GLY B 130 -16.73 13.53 7.06
CA GLY B 130 -17.22 14.92 7.11
C GLY B 130 -16.55 15.77 8.20
N PRO B 131 -16.89 15.52 9.48
CA PRO B 131 -16.24 16.18 10.65
C PRO B 131 -14.72 16.02 10.72
N ARG B 132 -14.16 14.92 10.18
CA ARG B 132 -12.69 14.66 10.13
C ARG B 132 -12.15 14.18 8.74
N PRO B 133 -11.91 15.14 7.79
CA PRO B 133 -11.64 14.88 6.36
C PRO B 133 -10.43 13.96 5.96
N THR B 134 -9.46 13.80 6.86
CA THR B 134 -8.18 13.19 6.52
C THR B 134 -7.87 12.02 7.44
N HIS B 135 -8.66 11.90 8.51
CA HIS B 135 -8.51 10.86 9.54
C HIS B 135 -8.28 9.43 8.96
N PHE B 136 -9.10 9.01 8.00
CA PHE B 136 -9.01 7.64 7.48
C PHE B 136 -7.74 7.33 6.70
N ALA B 137 -7.28 8.29 5.90
CA ALA B 137 -5.96 8.18 5.29
C ALA B 137 -4.92 7.75 6.34
N GLY B 138 -5.01 8.35 7.53
CA GLY B 138 -4.06 8.09 8.64
C GLY B 138 -4.19 6.66 9.14
N VAL B 139 -5.44 6.28 9.43
CA VAL B 139 -5.82 4.91 9.81
C VAL B 139 -5.34 3.86 8.79
N LEU B 140 -5.73 4.01 7.52
CA LEU B 140 -5.32 3.04 6.50
C LEU B 140 -3.81 2.94 6.38
N THR B 141 -3.08 4.07 6.50
CA THR B 141 -1.63 4.06 6.35
C THR B 141 -0.99 3.24 7.46
N VAL B 142 -1.35 3.51 8.72
CA VAL B 142 -0.83 2.75 9.86
C VAL B 142 -1.27 1.29 9.79
N VAL B 143 -2.49 1.03 9.38
CA VAL B 143 -2.92 -0.39 9.24
C VAL B 143 -2.10 -1.20 8.20
N LEU B 144 -1.92 -0.64 7.00
CA LEU B 144 -1.06 -1.25 5.97
C LEU B 144 0.31 -1.57 6.52
N LYS B 145 0.88 -0.60 7.25
CA LYS B 145 2.21 -0.74 7.81
C LYS B 145 2.28 -1.89 8.81
N LEU B 146 1.32 -1.93 9.72
CA LEU B 146 1.28 -2.96 10.74
C LEU B 146 1.09 -4.32 10.07
N LEU B 147 0.17 -4.41 9.10
CA LEU B 147 -0.01 -5.66 8.31
C LEU B 147 1.28 -6.11 7.62
N GLN B 148 2.07 -5.14 7.17
CA GLN B 148 3.32 -5.42 6.51
C GLN B 148 4.39 -5.91 7.47
N ILE B 149 4.56 -5.16 8.55
CA ILE B 149 5.49 -5.50 9.62
C ILE B 149 5.20 -6.86 10.25
N VAL B 150 3.96 -7.07 10.66
CA VAL B 150 3.58 -8.28 11.34
C VAL B 150 3.24 -9.42 10.36
N ARG B 151 2.72 -9.12 9.19
CA ARG B 151 2.17 -10.18 8.28
C ARG B 151 1.38 -11.22 9.04
N PRO B 152 0.18 -10.87 9.56
CA PRO B 152 -0.65 -11.89 10.18
C PRO B 152 -1.45 -12.72 9.18
N ASP B 153 -1.94 -13.89 9.59
CA ASP B 153 -2.88 -14.66 8.77
C ASP B 153 -4.25 -14.02 8.84
N ARG B 154 -4.53 -13.44 10.02
CA ARG B 154 -5.81 -12.82 10.33
C ARG B 154 -5.57 -11.60 11.21
N VAL B 155 -6.45 -10.62 11.00
CA VAL B 155 -6.45 -9.34 11.72
C VAL B 155 -7.84 -8.99 12.25
N PHE B 156 -7.87 -8.52 13.50
CA PHE B 156 -9.08 -8.46 14.29
C PHE B 156 -9.49 -7.06 14.66
N PHE B 157 -10.69 -6.64 14.21
CA PHE B 157 -11.23 -5.32 14.56
C PHE B 157 -12.61 -5.45 15.20
N GLY B 158 -12.92 -4.56 16.15
CA GLY B 158 -14.28 -4.45 16.64
C GLY B 158 -15.18 -3.82 15.60
N GLU B 159 -16.47 -4.14 15.64
CA GLU B 159 -17.44 -3.58 14.66
C GLU B 159 -17.96 -2.18 14.99
N LYS B 160 -17.59 -1.68 16.17
CA LYS B 160 -17.94 -0.36 16.67
C LYS B 160 -17.82 0.74 15.64
N ASP B 161 -16.57 1.09 15.32
CA ASP B 161 -16.26 2.00 14.25
C ASP B 161 -16.38 1.25 12.92
N TYR B 162 -17.61 1.15 12.43
CA TYR B 162 -17.92 0.29 11.28
C TYR B 162 -17.37 0.80 9.95
N GLN B 163 -17.52 2.10 9.69
CA GLN B 163 -16.95 2.69 8.49
C GLN B 163 -15.46 2.37 8.36
N GLN B 164 -14.76 2.40 9.48
CA GLN B 164 -13.35 2.19 9.44
C GLN B 164 -13.05 0.76 8.98
N LEU B 165 -13.64 -0.21 9.66
CA LEU B 165 -13.58 -1.61 9.26
C LEU B 165 -13.90 -1.90 7.75
N VAL B 166 -14.81 -1.16 7.14
CA VAL B 166 -15.18 -1.37 5.73
C VAL B 166 -14.06 -0.85 4.83
N LEU B 167 -13.47 0.27 5.21
CA LEU B 167 -12.40 0.83 4.45
C LEU B 167 -11.20 -0.09 4.53
N ILE B 168 -10.94 -0.61 5.72
CA ILE B 168 -9.92 -1.63 5.85
C ILE B 168 -10.20 -2.83 4.95
N ARG B 169 -11.46 -3.26 4.83
CA ARG B 169 -11.75 -4.35 3.91
C ARG B 169 -11.47 -3.91 2.47
N GLN B 170 -11.63 -2.62 2.22
CA GLN B 170 -11.36 -2.07 0.92
C GLN B 170 -9.86 -1.95 0.68
N LEU B 171 -9.11 -1.66 1.73
CA LEU B 171 -7.64 -1.62 1.60
C LEU B 171 -7.09 -3.00 1.19
N VAL B 172 -7.55 -4.05 1.86
CA VAL B 172 -7.10 -5.42 1.68
C VAL B 172 -7.45 -5.99 0.30
N ALA B 173 -8.65 -5.70 -0.17
CA ALA B 173 -9.10 -6.17 -1.46
C ALA B 173 -8.33 -5.41 -2.53
N ASP B 174 -8.22 -4.10 -2.36
CA ASP B 174 -7.63 -3.20 -3.33
C ASP B 174 -6.14 -3.31 -3.55
N PHE B 175 -5.42 -3.66 -2.49
CA PHE B 175 -4.00 -3.92 -2.64
C PHE B 175 -3.64 -5.42 -2.62
N ASN B 176 -4.65 -6.30 -2.72
CA ASN B 176 -4.40 -7.73 -2.86
C ASN B 176 -3.60 -8.30 -1.70
N LEU B 177 -3.77 -7.65 -0.53
CA LEU B 177 -3.24 -8.11 0.74
C LEU B 177 -3.78 -9.46 1.08
N ASP B 178 -2.93 -10.27 1.70
CA ASP B 178 -3.12 -11.70 1.95
C ASP B 178 -3.75 -12.04 3.32
N VAL B 179 -4.32 -11.08 4.01
CA VAL B 179 -4.74 -11.31 5.37
C VAL B 179 -6.26 -11.52 5.41
N ALA B 180 -6.78 -12.22 6.41
CA ALA B 180 -8.25 -12.22 6.60
C ALA B 180 -8.63 -11.21 7.68
N VAL B 181 -9.56 -10.33 7.31
CA VAL B 181 -10.09 -9.31 8.21
C VAL B 181 -11.32 -9.87 8.95
N VAL B 182 -11.22 -9.93 10.29
CA VAL B 182 -12.30 -10.46 11.11
C VAL B 182 -12.88 -9.32 11.95
N GLY B 183 -14.17 -9.09 11.77
CA GLY B 183 -14.90 -8.09 12.56
C GLY B 183 -15.61 -8.77 13.72
N VAL B 184 -15.22 -8.36 14.93
CA VAL B 184 -15.76 -8.94 16.15
C VAL B 184 -16.89 -8.03 16.66
N PRO B 185 -18.11 -8.60 16.91
CA PRO B 185 -19.25 -7.80 17.41
C PRO B 185 -18.84 -6.90 18.57
N THR B 186 -19.36 -5.67 18.59
CA THR B 186 -19.02 -4.67 19.60
C THR B 186 -19.44 -5.10 21.01
N VAL B 187 -18.50 -4.94 21.94
CA VAL B 187 -18.72 -5.23 23.34
C VAL B 187 -19.33 -4.01 24.01
N ARG B 188 -20.35 -4.24 24.84
CA ARG B 188 -21.16 -3.16 25.38
C ARG B 188 -21.27 -3.16 26.92
N GLU B 189 -21.46 -1.98 27.52
CA GLU B 189 -21.89 -1.92 28.90
C GLU B 189 -23.22 -2.70 29.09
N ALA B 190 -23.64 -2.84 30.36
CA ALA B 190 -24.85 -3.59 30.73
C ALA B 190 -26.08 -3.01 30.07
N ASP B 191 -26.10 -1.69 29.90
CA ASP B 191 -27.24 -0.99 29.32
C ASP B 191 -27.21 -0.85 27.79
N GLY B 192 -26.22 -1.48 27.13
CA GLY B 192 -26.12 -1.39 25.67
C GLY B 192 -25.07 -0.43 25.10
N LEU B 193 -24.66 0.57 25.89
CA LEU B 193 -23.67 1.55 25.48
C LEU B 193 -22.43 0.85 24.95
N ALA B 194 -22.08 1.18 23.72
CA ALA B 194 -20.94 0.58 23.07
C ALA B 194 -19.66 1.09 23.75
N MET B 195 -18.77 0.16 24.08
CA MET B 195 -17.55 0.54 24.77
C MET B 195 -16.60 1.40 23.93
N SER B 196 -15.98 2.35 24.60
CA SER B 196 -15.22 3.42 23.98
C SER B 196 -14.40 4.13 25.07
N SER B 197 -13.23 4.59 24.70
CA SER B 197 -12.36 5.27 25.66
C SER B 197 -12.97 6.60 26.04
N ARG B 198 -13.82 7.13 25.18
CA ARG B 198 -14.45 8.41 25.47
C ARG B 198 -15.52 8.34 26.57
N ASN B 199 -16.14 7.17 26.74
CA ASN B 199 -17.19 7.00 27.75
C ASN B 199 -16.93 7.51 29.18
N ARG B 200 -15.67 7.48 29.61
CA ARG B 200 -15.32 7.97 30.95
C ARG B 200 -15.35 9.52 31.05
N TYR B 201 -15.55 10.20 29.93
CA TYR B 201 -15.60 11.67 29.92
C TYR B 201 -17.00 12.26 30.13
N LEU B 202 -18.03 11.48 29.79
CA LEU B 202 -19.42 11.91 29.95
C LEU B 202 -19.76 11.94 31.44
N ASP B 203 -20.32 13.07 31.89
CA ASP B 203 -20.87 13.19 33.24
C ASP B 203 -22.10 12.28 33.35
N PRO B 204 -22.63 12.08 34.57
CA PRO B 204 -23.77 11.17 34.71
C PRO B 204 -25.01 11.44 33.80
N ALA B 205 -25.40 12.70 33.62
CA ALA B 205 -26.58 13.02 32.80
C ALA B 205 -26.31 12.54 31.36
N GLN B 206 -25.18 12.99 30.81
CA GLN B 206 -24.71 12.55 29.50
C GLN B 206 -24.59 11.03 29.38
N ARG B 207 -24.02 10.40 30.41
CA ARG B 207 -23.82 8.97 30.39
C ARG B 207 -25.17 8.31 30.27
N ALA B 208 -26.14 8.88 30.98
CA ALA B 208 -27.52 8.35 31.00
C ALA B 208 -28.24 8.63 29.68
N ALA B 209 -27.95 9.77 29.07
CA ALA B 209 -28.48 10.13 27.76
C ALA B 209 -27.84 9.31 26.61
N ALA B 210 -26.63 8.79 26.84
CA ALA B 210 -25.84 8.11 25.80
C ALA B 210 -26.49 6.79 25.43
N VAL B 211 -27.17 6.20 26.42
CA VAL B 211 -27.91 4.96 26.27
C VAL B 211 -28.84 5.00 25.04
N ALA B 212 -29.17 6.20 24.56
CA ALA B 212 -30.16 6.31 23.46
C ALA B 212 -29.63 5.83 22.12
N LEU B 213 -28.31 5.87 21.92
CA LEU B 213 -27.77 5.49 20.62
C LEU B 213 -28.10 4.00 20.35
N SER B 214 -27.68 3.15 21.29
CA SER B 214 -27.78 1.72 21.12
C SER B 214 -29.25 1.32 21.24
N ALA B 215 -29.97 2.05 22.07
CA ALA B 215 -31.41 1.83 22.19
C ALA B 215 -32.13 2.26 20.91
N ALA B 216 -31.63 3.28 20.24
CA ALA B 216 -32.21 3.64 18.97
C ALA B 216 -31.96 2.51 17.98
N LEU B 217 -30.80 1.87 18.11
CA LEU B 217 -30.31 1.03 17.04
C LEU B 217 -30.97 -0.30 17.15
N THR B 218 -31.01 -0.81 18.38
CA THR B 218 -31.73 -2.03 18.69
CA THR B 218 -31.73 -2.03 18.68
C THR B 218 -33.23 -1.88 18.36
N ALA B 219 -33.82 -0.72 18.72
CA ALA B 219 -35.21 -0.50 18.37
C ALA B 219 -35.41 -0.64 16.85
N ALA B 220 -34.54 0.03 16.10
CA ALA B 220 -34.56 0.01 14.63
C ALA B 220 -34.50 -1.42 14.12
N ALA B 221 -33.53 -2.19 14.60
CA ALA B 221 -33.34 -3.54 14.17
C ALA B 221 -34.63 -4.38 14.28
N HIS B 222 -35.40 -4.13 15.33
CA HIS B 222 -36.57 -4.95 15.60
C HIS B 222 -37.77 -4.35 14.90
N ALA B 223 -37.76 -3.03 14.74
CA ALA B 223 -38.83 -2.38 14.02
C ALA B 223 -38.82 -2.74 12.51
N ALA B 224 -37.72 -3.38 12.06
CA ALA B 224 -37.35 -3.53 10.64
C ALA B 224 -38.21 -4.53 9.85
N THR B 225 -39.10 -5.22 10.55
CA THR B 225 -39.95 -6.21 9.95
C THR B 225 -41.07 -5.46 9.24
N ALA B 226 -41.19 -4.18 9.60
CA ALA B 226 -42.20 -3.29 9.03
C ALA B 226 -41.53 -2.44 7.96
N GLY B 227 -40.25 -2.74 7.71
CA GLY B 227 -39.52 -2.10 6.62
C GLY B 227 -38.64 -0.89 6.98
N ALA B 228 -38.01 -0.34 5.95
CA ALA B 228 -36.94 0.62 6.07
C ALA B 228 -37.31 1.88 6.83
N GLN B 229 -38.44 2.48 6.45
CA GLN B 229 -38.89 3.72 7.01
C GLN B 229 -39.20 3.59 8.52
N ALA B 230 -39.80 2.46 8.92
CA ALA B 230 -40.20 2.24 10.30
C ALA B 230 -39.00 1.99 11.17
N ALA B 231 -37.92 1.43 10.60
CA ALA B 231 -36.68 1.27 11.35
C ALA B 231 -36.05 2.64 11.70
N LEU B 232 -35.96 3.52 10.70
CA LEU B 232 -35.37 4.84 10.86
C LEU B 232 -36.20 5.68 11.82
N ASP B 233 -37.52 5.55 11.70
CA ASP B 233 -38.41 6.35 12.51
C ASP B 233 -38.40 5.90 13.96
N ALA B 234 -38.29 4.59 14.16
CA ALA B 234 -38.15 4.03 15.51
C ALA B 234 -36.86 4.60 16.17
N ALA B 235 -35.76 4.62 15.42
CA ALA B 235 -34.49 5.08 15.96
C ALA B 235 -34.52 6.59 16.16
N ARG B 236 -35.12 7.29 15.22
CA ARG B 236 -35.20 8.75 15.32
C ARG B 236 -36.06 9.18 16.51
N ALA B 237 -37.12 8.41 16.78
CA ALA B 237 -38.00 8.64 17.92
C ALA B 237 -37.21 8.54 19.18
N VAL B 238 -36.38 7.49 19.31
CA VAL B 238 -35.61 7.24 20.51
C VAL B 238 -34.53 8.32 20.78
N LEU B 239 -33.78 8.64 19.71
CA LEU B 239 -32.89 9.78 19.68
C LEU B 239 -33.60 11.05 20.14
N ASP B 240 -34.83 11.25 19.65
CA ASP B 240 -35.61 12.43 20.06
C ASP B 240 -35.97 12.44 21.53
N ALA B 241 -36.18 11.27 22.12
CA ALA B 241 -36.53 11.19 23.53
C ALA B 241 -35.39 11.62 24.46
N ALA B 242 -34.19 11.90 23.92
CA ALA B 242 -33.04 12.22 24.79
C ALA B 242 -32.52 13.63 24.71
N PRO B 243 -32.28 14.26 25.88
CA PRO B 243 -31.74 15.61 25.99
C PRO B 243 -30.22 15.62 25.76
N GLY B 244 -29.68 16.73 25.27
CA GLY B 244 -28.22 16.87 25.08
C GLY B 244 -27.54 15.91 24.09
N VAL B 245 -28.30 15.43 23.11
CA VAL B 245 -27.80 14.47 22.12
C VAL B 245 -27.97 14.99 20.69
N ALA B 246 -26.91 15.64 20.19
CA ALA B 246 -26.82 16.23 18.87
C ALA B 246 -26.36 15.19 17.84
N VAL B 247 -27.30 14.72 17.02
CA VAL B 247 -27.09 13.65 16.05
C VAL B 247 -26.50 14.21 14.79
N ASP B 248 -25.27 13.83 14.49
CA ASP B 248 -24.66 14.31 13.26
C ASP B 248 -25.29 13.59 12.10
N TYR B 249 -25.48 12.28 12.21
CA TYR B 249 -26.13 11.52 11.14
C TYR B 249 -26.77 10.25 11.67
N LEU B 250 -27.80 9.77 10.98
CA LEU B 250 -28.39 8.49 11.31
C LEU B 250 -28.71 7.88 9.97
N GLU B 251 -27.99 6.83 9.59
CA GLU B 251 -28.09 6.37 8.21
C GLU B 251 -28.12 4.87 8.02
N LEU B 252 -29.04 4.42 7.19
CA LEU B 252 -29.12 3.00 6.80
C LEU B 252 -28.50 2.79 5.42
N ARG B 253 -27.51 1.88 5.35
CA ARG B 253 -26.71 1.63 4.15
C ARG B 253 -26.65 0.12 3.91
N ASP B 254 -26.10 -0.36 2.79
CA ASP B 254 -25.89 -1.82 2.68
C ASP B 254 -24.64 -2.22 3.44
N ILE B 255 -24.44 -3.53 3.61
CA ILE B 255 -23.36 -4.01 4.47
C ILE B 255 -21.98 -3.42 4.16
N GLY B 256 -21.74 -3.06 2.89
CA GLY B 256 -20.51 -2.39 2.44
C GLY B 256 -20.57 -0.87 2.29
N LEU B 257 -21.58 -0.26 2.90
CA LEU B 257 -21.77 1.19 3.03
C LEU B 257 -22.21 1.99 1.78
N GLY B 258 -22.59 1.30 0.71
CA GLY B 258 -23.28 1.97 -0.40
C GLY B 258 -24.77 2.03 -0.07
N PRO B 259 -25.56 2.74 -0.89
CA PRO B 259 -27.03 2.85 -0.74
C PRO B 259 -27.75 1.56 -0.30
N MET B 260 -28.75 1.71 0.57
CA MET B 260 -29.51 0.57 1.11
C MET B 260 -30.43 -0.06 0.06
N PRO B 261 -30.27 -1.37 -0.21
CA PRO B 261 -31.17 -2.03 -1.18
C PRO B 261 -32.63 -1.97 -0.72
N LEU B 262 -33.56 -2.20 -1.64
CA LEU B 262 -34.98 -2.07 -1.31
C LEU B 262 -35.39 -3.18 -0.34
N ASN B 263 -34.73 -4.33 -0.46
CA ASN B 263 -34.85 -5.36 0.55
C ASN B 263 -33.55 -6.12 0.63
N GLY B 264 -33.13 -6.51 1.83
CA GLY B 264 -31.88 -7.26 2.02
C GLY B 264 -31.22 -6.92 3.35
N SER B 265 -29.97 -7.32 3.52
CA SER B 265 -29.22 -7.09 4.74
C SER B 265 -28.43 -5.78 4.69
N GLY B 266 -28.64 -4.90 5.66
CA GLY B 266 -27.92 -3.64 5.73
C GLY B 266 -27.28 -3.30 7.08
N ARG B 267 -26.89 -2.04 7.23
CA ARG B 267 -26.31 -1.54 8.46
C ARG B 267 -26.84 -0.18 8.75
N LEU B 268 -27.00 0.10 10.03
CA LEU B 268 -27.52 1.37 10.48
C LEU B 268 -26.49 2.01 11.41
N LEU B 269 -26.12 3.23 11.09
CA LEU B 269 -25.02 3.87 11.76
C LEU B 269 -25.56 5.15 12.35
N VAL B 270 -25.06 5.50 13.54
CA VAL B 270 -25.42 6.74 14.22
C VAL B 270 -24.17 7.42 14.78
N ALA B 271 -24.20 8.74 14.87
CA ALA B 271 -23.09 9.53 15.46
C ALA B 271 -23.61 10.80 16.16
N ALA B 272 -23.08 11.12 17.33
CA ALA B 272 -23.73 12.16 18.11
C ALA B 272 -22.80 12.88 19.08
N ARG B 273 -23.09 14.15 19.34
CA ARG B 273 -22.27 14.90 20.29
C ARG B 273 -23.01 14.98 21.59
N LEU B 274 -22.44 14.42 22.66
CA LEU B 274 -22.97 14.71 23.99
C LEU B 274 -21.96 15.67 24.60
N GLY B 275 -22.29 16.95 24.57
CA GLY B 275 -21.33 17.99 24.95
C GLY B 275 -20.12 17.95 24.03
N THR B 276 -18.95 17.82 24.65
CA THR B 276 -17.68 17.82 23.92
C THR B 276 -17.42 16.45 23.26
N THR B 277 -18.11 15.44 23.77
CA THR B 277 -17.84 14.07 23.36
C THR B 277 -18.68 13.52 22.20
N ARG B 278 -17.98 12.99 21.21
CA ARG B 278 -18.59 12.43 20.03
C ARG B 278 -18.67 10.92 20.18
N LEU B 279 -19.88 10.38 20.05
CA LEU B 279 -20.12 8.92 20.19
C LEU B 279 -20.58 8.30 18.87
N LEU B 280 -20.20 7.05 18.64
CA LEU B 280 -20.69 6.33 17.47
C LEU B 280 -21.22 4.98 17.87
N ASP B 281 -22.13 4.43 17.07
CA ASP B 281 -22.56 3.05 17.20
C ASP B 281 -23.18 2.69 15.87
N ASN B 282 -23.42 1.40 15.66
CA ASN B 282 -23.97 0.92 14.41
C ASN B 282 -24.59 -0.43 14.66
N ILE B 283 -25.53 -0.85 13.82
CA ILE B 283 -26.04 -2.22 13.96
C ILE B 283 -26.45 -2.87 12.62
N ALA B 284 -26.43 -4.20 12.59
CA ALA B 284 -26.93 -4.98 11.46
C ALA B 284 -28.43 -4.84 11.39
N ILE B 285 -28.94 -4.85 10.16
CA ILE B 285 -30.35 -4.70 9.85
C ILE B 285 -30.75 -5.65 8.69
N GLU B 286 -31.84 -6.40 8.88
CA GLU B 286 -32.46 -7.19 7.79
C GLU B 286 -33.78 -6.55 7.38
N ILE B 287 -33.96 -6.22 6.11
CA ILE B 287 -35.22 -5.53 5.73
C ILE B 287 -36.33 -6.46 5.26
N GLY B 288 -37.31 -6.60 6.15
CA GLY B 288 -38.44 -7.49 5.99
C GLY B 288 -38.69 -8.31 7.25
C1 EOH C . -9.69 7.71 -4.93
C2 EOH C . -8.34 7.38 -4.29
O EOH C . -10.34 6.56 -5.44
C1 EOH D . 30.89 8.65 -24.99
C2 EOH D . 31.08 7.55 -23.94
O EOH D . 29.65 9.36 -24.91
O 2DJ E . 10.93 3.15 -21.91
C 2DJ E . 11.49 2.08 -21.50
OXT 2DJ E . 11.32 0.93 -21.95
CA 2DJ E . 12.52 2.22 -20.41
N 2DJ E . 12.84 0.92 -19.68
CBB 2DJ E . 14.08 0.43 -19.59
CAO 2DJ E . 15.24 0.88 -20.11
CAN 2DJ E . 16.45 0.22 -19.90
CAW 2DJ E . 16.45 -0.93 -19.12
OAT 2DJ E . 17.66 -1.57 -18.96
CAA 2DJ E . 18.15 -1.83 -17.65
CAP 2DJ E . 15.21 -1.39 -18.60
CBA 2DJ E . 14.07 -0.70 -18.84
CAQ 2DJ E . 12.80 -0.92 -18.45
CAZ 2DJ E . 12.07 0.10 -18.95
CAV 2DJ E . 10.74 0.23 -18.82
OAF 2DJ E . 10.19 1.34 -18.73
NAS 2DJ E . 10.07 -0.91 -18.98
SBE 2DJ E . 8.46 -0.75 -18.99
OAG 2DJ E . 7.79 -2.02 -19.59
OAH 2DJ E . 8.17 0.52 -19.83
CAY 2DJ E . 7.80 -0.42 -17.46
CAL 2DJ E . 7.32 -1.51 -16.76
CAJ 2DJ E . 6.73 -1.33 -15.53
CAX 2DJ E . 6.62 -0.06 -14.98
CBD 2DJ E . 6.03 -0.02 -13.73
CAC 2DJ E . 7.09 0.09 -12.65
CAD 2DJ E . 5.07 1.16 -13.60
CAB 2DJ E . 5.23 -1.33 -13.61
CAK 2DJ E . 7.10 1.07 -15.68
CAM 2DJ E . 7.69 0.89 -16.94
O 2DJ F . -12.42 3.52 21.87
C 2DJ F . -12.51 2.26 21.88
OXT 2DJ F . -11.99 1.46 22.71
CA 2DJ F . -13.31 1.58 20.77
N 2DJ F . -12.80 0.15 20.54
CBB 2DJ F . -13.58 -0.91 20.74
CAO 2DJ F . -14.84 -1.02 21.17
CAN 2DJ F . -15.45 -2.27 21.30
CAW 2DJ F . -14.73 -3.42 20.96
OAT 2DJ F . -15.30 -4.65 21.09
CAA 2DJ F . -15.09 -5.61 20.03
CAP 2DJ F . -13.42 -3.25 20.54
CBA 2DJ F . -12.87 -2.02 20.44
CAQ 2DJ F . -11.67 -1.65 20.05
CAZ 2DJ F . -11.61 -0.34 20.08
CAV 2DJ F . -10.48 0.33 19.76
OAF 2DJ F . -9.42 -0.28 19.60
NAS 2DJ F . -10.56 1.66 19.72
SBE 2DJ F . -9.17 2.48 19.52
OAG 2DJ F . -8.16 1.98 20.60
OAH 2DJ F . -9.46 3.98 19.64
CAY 2DJ F . -8.40 2.17 17.98
CAL 2DJ F . -7.26 1.39 17.98
CAJ 2DJ F . -6.62 1.12 16.77
CAX 2DJ F . -7.11 1.65 15.58
CBD 2DJ F . -6.44 1.37 14.38
CAC 2DJ F . -7.43 1.10 13.24
CAD 2DJ F . -5.57 2.56 13.97
CAB 2DJ F . -5.55 0.16 14.55
CAK 2DJ F . -8.26 2.46 15.61
CAM 2DJ F . -8.92 2.72 16.80
C1 EOH G . -4.18 -12.30 -5.28
C2 EOH G . -5.26 -11.29 -4.92
O EOH G . -3.43 -12.72 -4.15
#